data_8A1Z
#
_entry.id   8A1Z
#
_cell.length_a   68.600
_cell.length_b   107.700
_cell.length_c   132.600
_cell.angle_alpha   90.000
_cell.angle_beta   90.000
_cell.angle_gamma   90.000
#
_symmetry.space_group_name_H-M   'I 2 2 2'
#
loop_
_entity.id
_entity.type
_entity.pdbx_description
1 polymer 'Phosphoserine phosphatase'
2 non-polymer 'MAGNESIUM ION'
3 non-polymer 1-(2,4-dichlorophenyl)-3-oxidanyl-urea
4 non-polymer 'CHLORIDE ION'
5 water water
#
_entity_poly.entity_id   1
_entity_poly.type   'polypeptide(L)'
_entity_poly.pdbx_seq_one_letter_code
;GPGSMNSPPKVSVLITVTGVDQPGVTATLFEVLSRHGVELLNVEQVVIRHRLTLGVLVCCPADVADGPALRHDVEAAIRK
VGLDVSIERSDDVPIIREPSTHTIFVLGRPITAAAFGAVAREVAALGVNIDLIRGVSDYPVIGLELRVSVPPGADEALRT
ALNRVSSEEHVDVAVEDYTLERRAKRLIVFDVDSTLVQGEVIEMLAAKAGAEGQVAAITDAAMRGELDFAQSLQQRVATL
AGLPATVIDEVAGQLELMPGARTTLRTLRRLGYACGVVSGGFRRIIEPLAEELMLDYVAANELEIVDGTLTGRVVGPIID
RAGKATALREFAQRAGVPMAQTVAVGDGANDIDMLAAAGLGIAFNAKPALREVADASLSHPYLDTVLFLLGVTRGEIEAA
DAIDGEVRRVEIPPE
;
_entity_poly.pdbx_strand_id   A
#
# COMPACT_ATOMS: atom_id res chain seq x y z
N PRO A 9 -16.37 -21.73 -34.98
CA PRO A 9 -15.13 -22.07 -35.69
C PRO A 9 -14.47 -23.33 -35.11
N LYS A 10 -13.88 -24.13 -35.98
CA LYS A 10 -13.41 -25.45 -35.55
C LYS A 10 -12.31 -25.33 -34.49
N VAL A 11 -11.15 -24.76 -34.84
CA VAL A 11 -9.95 -24.94 -34.04
C VAL A 11 -9.28 -23.61 -33.68
N SER A 12 -8.44 -23.67 -32.67
CA SER A 12 -7.77 -22.48 -32.15
C SER A 12 -6.37 -22.36 -32.76
N VAL A 13 -6.00 -21.13 -33.06
CA VAL A 13 -4.67 -20.79 -33.54
C VAL A 13 -4.13 -19.66 -32.69
N LEU A 14 -2.84 -19.70 -32.41
CA LEU A 14 -2.16 -18.66 -31.66
C LEU A 14 -1.27 -17.85 -32.59
N ILE A 15 -1.42 -16.52 -32.56
CA ILE A 15 -0.64 -15.61 -33.42
C ILE A 15 0.07 -14.64 -32.51
N THR A 16 1.41 -14.66 -32.54
CA THR A 16 2.22 -13.86 -31.64
C THR A 16 3.10 -12.95 -32.49
N VAL A 17 2.84 -11.64 -32.40
CA VAL A 17 3.64 -10.60 -33.04
C VAL A 17 4.57 -10.01 -32.00
N THR A 18 5.84 -9.79 -32.37
CA THR A 18 6.86 -9.18 -31.52
C THR A 18 7.83 -8.36 -32.38
N GLY A 19 8.44 -7.37 -31.75
CA GLY A 19 9.43 -6.55 -32.42
C GLY A 19 9.32 -5.10 -31.97
N VAL A 20 9.90 -4.20 -32.75
CA VAL A 20 9.91 -2.79 -32.37
C VAL A 20 8.54 -2.21 -32.65
N ASP A 21 7.93 -1.58 -31.64
CA ASP A 21 6.61 -1.02 -31.81
C ASP A 21 6.56 -0.08 -33.01
N GLN A 22 5.43 -0.08 -33.71
CA GLN A 22 5.16 0.85 -34.77
C GLN A 22 3.69 1.22 -34.74
N PRO A 23 3.34 2.39 -35.22
CA PRO A 23 1.91 2.73 -35.34
C PRO A 23 1.20 1.67 -36.17
N GLY A 24 -0.03 1.34 -35.76
CA GLY A 24 -0.95 0.68 -36.65
C GLY A 24 -0.78 -0.82 -36.81
N VAL A 25 0.15 -1.45 -36.08
CA VAL A 25 0.28 -2.90 -36.14
C VAL A 25 -1.01 -3.57 -35.69
N THR A 26 -1.56 -3.13 -34.55
CA THR A 26 -2.78 -3.74 -34.01
C THR A 26 -3.91 -3.76 -35.04
N ALA A 27 -4.23 -2.60 -35.61
CA ALA A 27 -5.27 -2.56 -36.63
C ALA A 27 -4.93 -3.46 -37.82
N THR A 28 -3.70 -3.35 -38.34
CA THR A 28 -3.33 -4.13 -39.52
C THR A 28 -3.54 -5.62 -39.28
N LEU A 29 -3.09 -6.12 -38.12
CA LEU A 29 -3.20 -7.55 -37.85
C LEU A 29 -4.65 -8.01 -37.82
N PHE A 30 -5.56 -7.16 -37.35
CA PHE A 30 -6.94 -7.63 -37.27
C PHE A 30 -7.69 -7.44 -38.58
N GLU A 31 -7.26 -6.52 -39.45
CA GLU A 31 -7.79 -6.53 -40.81
C GLU A 31 -7.45 -7.84 -41.51
N VAL A 32 -6.19 -8.27 -41.41
CA VAL A 32 -5.75 -9.50 -42.07
C VAL A 32 -6.58 -10.68 -41.57
N LEU A 33 -6.70 -10.80 -40.25
CA LEU A 33 -7.43 -11.92 -39.66
C LEU A 33 -8.88 -11.92 -40.10
N SER A 34 -9.47 -10.75 -40.31
CA SER A 34 -10.85 -10.67 -40.77
C SER A 34 -11.04 -11.23 -42.18
N ARG A 35 -9.99 -11.26 -42.99
CA ARG A 35 -10.08 -11.88 -44.31
C ARG A 35 -10.13 -13.40 -44.22
N HIS A 36 -10.13 -13.96 -43.01
CA HIS A 36 -10.24 -15.39 -42.82
C HIS A 36 -11.39 -15.66 -41.85
N GLY A 37 -11.51 -16.89 -41.33
CA GLY A 37 -12.74 -17.17 -40.59
C GLY A 37 -12.70 -16.79 -39.12
N VAL A 38 -12.01 -15.71 -38.79
CA VAL A 38 -11.36 -15.59 -37.49
C VAL A 38 -12.26 -14.93 -36.44
N GLU A 39 -12.40 -15.60 -35.29
CA GLU A 39 -12.97 -15.01 -34.09
C GLU A 39 -11.94 -14.99 -32.97
N LEU A 40 -11.97 -13.95 -32.15
CA LEU A 40 -11.00 -13.80 -31.08
C LEU A 40 -11.45 -14.53 -29.82
N LEU A 41 -10.55 -15.33 -29.26
CA LEU A 41 -10.74 -15.92 -27.93
C LEU A 41 -10.02 -15.14 -26.84
N ASN A 42 -8.87 -14.56 -27.16
CA ASN A 42 -8.07 -13.84 -26.20
C ASN A 42 -7.09 -12.96 -26.97
N VAL A 43 -6.78 -11.81 -26.40
CA VAL A 43 -5.83 -10.87 -26.97
C VAL A 43 -5.11 -10.21 -25.82
N GLU A 44 -3.78 -10.24 -25.85
CA GLU A 44 -3.00 -9.49 -24.88
C GLU A 44 -1.94 -8.73 -25.66
N GLN A 45 -1.84 -7.43 -25.41
CA GLN A 45 -0.76 -6.65 -26.02
C GLN A 45 -0.23 -5.61 -25.03
N VAL A 46 1.07 -5.33 -25.15
CA VAL A 46 1.72 -4.30 -24.34
C VAL A 46 2.94 -3.83 -25.12
N VAL A 47 3.35 -2.60 -24.87
CA VAL A 47 4.63 -2.08 -25.37
C VAL A 47 5.47 -1.68 -24.15
N ILE A 48 6.60 -2.37 -23.97
CA ILE A 48 7.58 -2.08 -22.92
C ILE A 48 8.85 -1.58 -23.63
N ARG A 49 9.26 -0.35 -23.32
CA ARG A 49 10.44 0.27 -23.92
C ARG A 49 10.53 0.01 -25.44
N HIS A 50 9.47 0.41 -26.14
CA HIS A 50 9.31 0.28 -27.59
C HIS A 50 9.38 -1.17 -28.09
N ARG A 51 9.34 -2.15 -27.19
CA ARG A 51 9.19 -3.55 -27.57
C ARG A 51 7.72 -3.94 -27.54
N LEU A 52 7.16 -4.30 -28.70
CA LEU A 52 5.78 -4.75 -28.81
C LEU A 52 5.68 -6.27 -28.70
N THR A 53 4.72 -6.74 -27.90
CA THR A 53 4.25 -8.12 -27.95
C THR A 53 2.75 -8.09 -28.16
N LEU A 54 2.25 -8.84 -29.12
CA LEU A 54 0.82 -8.91 -29.40
C LEU A 54 0.44 -10.37 -29.53
N GLY A 55 -0.33 -10.88 -28.58
CA GLY A 55 -0.67 -12.28 -28.51
C GLY A 55 -2.16 -12.48 -28.70
N VAL A 56 -2.51 -13.15 -29.78
CA VAL A 56 -3.88 -13.24 -30.27
C VAL A 56 -4.21 -14.73 -30.38
N LEU A 57 -5.11 -15.19 -29.51
CA LEU A 57 -5.63 -16.55 -29.56
C LEU A 57 -6.97 -16.49 -30.27
N VAL A 58 -7.15 -17.36 -31.25
CA VAL A 58 -8.09 -17.14 -32.32
C VAL A 58 -8.78 -18.45 -32.65
N CYS A 59 -9.95 -18.31 -33.25
CA CYS A 59 -10.93 -19.37 -33.47
C CYS A 59 -11.29 -19.33 -34.93
N CYS A 60 -10.88 -20.34 -35.69
CA CYS A 60 -11.31 -20.33 -37.08
C CYS A 60 -11.60 -21.73 -37.59
N PRO A 61 -12.22 -21.86 -38.76
CA PRO A 61 -12.55 -23.20 -39.28
C PRO A 61 -11.29 -24.02 -39.50
N ALA A 62 -11.38 -25.32 -39.20
CA ALA A 62 -10.29 -26.24 -39.53
C ALA A 62 -9.85 -26.06 -40.99
N ASP A 63 -10.80 -25.74 -41.86
CA ASP A 63 -10.48 -25.37 -43.24
C ASP A 63 -9.42 -24.28 -43.28
N VAL A 64 -9.60 -23.21 -42.50
CA VAL A 64 -8.72 -22.06 -42.56
C VAL A 64 -7.47 -22.26 -41.70
N ALA A 65 -7.56 -23.01 -40.60
CA ALA A 65 -6.42 -23.09 -39.69
C ALA A 65 -5.24 -23.82 -40.32
N ASP A 66 -5.51 -24.92 -41.02
CA ASP A 66 -4.44 -25.67 -41.65
C ASP A 66 -4.47 -25.44 -43.16
N GLY A 67 -4.36 -24.18 -43.57
CA GLY A 67 -4.14 -23.78 -44.94
C GLY A 67 -3.11 -22.68 -44.96
N PRO A 68 -2.28 -22.64 -46.01
CA PRO A 68 -1.20 -21.64 -46.01
C PRO A 68 -1.68 -20.22 -46.20
N ALA A 69 -2.93 -20.03 -46.63
CA ALA A 69 -3.43 -18.68 -46.90
C ALA A 69 -3.39 -17.82 -45.64
N LEU A 70 -4.03 -18.28 -44.56
CA LEU A 70 -4.01 -17.54 -43.30
C LEU A 70 -2.58 -17.19 -42.90
N ARG A 71 -1.74 -18.22 -42.77
CA ARG A 71 -0.35 -17.99 -42.40
C ARG A 71 0.32 -16.96 -43.30
N HIS A 72 0.10 -17.08 -44.62
CA HIS A 72 0.82 -16.23 -45.56
C HIS A 72 0.34 -14.78 -45.52
N ASP A 73 -0.95 -14.58 -45.38
CA ASP A 73 -1.49 -13.23 -45.22
C ASP A 73 -0.83 -12.53 -44.01
N VAL A 74 -0.94 -13.17 -42.84
CA VAL A 74 -0.34 -12.64 -41.61
C VAL A 74 1.17 -12.45 -41.76
N GLU A 75 1.86 -13.51 -42.20
CA GLU A 75 3.32 -13.45 -42.25
C GLU A 75 3.80 -12.34 -43.18
N ALA A 76 3.13 -12.17 -44.32
CA ALA A 76 3.51 -11.13 -45.26
C ALA A 76 3.26 -9.74 -44.68
N ALA A 77 2.08 -9.53 -44.08
CA ALA A 77 1.73 -8.20 -43.56
C ALA A 77 2.61 -7.80 -42.41
N ILE A 78 2.93 -8.74 -41.53
CA ILE A 78 3.68 -8.39 -40.33
C ILE A 78 5.14 -8.13 -40.70
N ARG A 79 5.73 -9.05 -41.48
CA ARG A 79 7.15 -8.94 -41.83
C ARG A 79 7.43 -7.75 -42.74
N LYS A 80 6.48 -7.41 -43.61
CA LYS A 80 6.66 -6.25 -44.49
C LYS A 80 7.08 -5.00 -43.72
N VAL A 81 6.48 -4.77 -42.56
CA VAL A 81 6.66 -3.52 -41.83
C VAL A 81 7.74 -3.62 -40.74
N GLY A 82 8.42 -4.75 -40.67
CA GLY A 82 9.57 -4.87 -39.81
C GLY A 82 9.37 -5.56 -38.48
N LEU A 83 8.33 -6.37 -38.33
CA LEU A 83 8.08 -7.12 -37.11
C LEU A 83 8.20 -8.61 -37.41
N ASP A 84 8.26 -9.44 -36.36
CA ASP A 84 8.21 -10.90 -36.49
C ASP A 84 6.85 -11.42 -36.06
N VAL A 85 6.44 -12.57 -36.61
CA VAL A 85 5.13 -13.14 -36.27
C VAL A 85 5.19 -14.66 -36.24
N SER A 86 4.65 -15.22 -35.16
CA SER A 86 4.46 -16.65 -34.96
C SER A 86 3.00 -17.05 -35.16
N ILE A 87 2.80 -18.28 -35.63
CA ILE A 87 1.48 -18.80 -35.93
C ILE A 87 1.49 -20.30 -35.67
N GLU A 88 0.90 -20.73 -34.56
CA GLU A 88 0.95 -22.13 -34.14
C GLU A 88 -0.46 -22.59 -33.81
N ARG A 89 -0.83 -23.77 -34.28
CA ARG A 89 -2.15 -24.30 -34.05
C ARG A 89 -2.18 -24.86 -32.63
N SER A 90 -2.70 -24.07 -31.70
CA SER A 90 -2.63 -24.35 -30.27
C SER A 90 -3.60 -25.43 -29.83
N ASP A 91 -4.88 -25.04 -29.68
CA ASP A 91 -5.96 -25.97 -29.34
C ASP A 91 -5.97 -26.34 -27.86
N ASP A 92 -4.79 -26.67 -27.32
CA ASP A 92 -4.65 -27.09 -25.92
C ASP A 92 -4.05 -26.00 -25.05
N VAL A 93 -3.92 -24.79 -25.57
CA VAL A 93 -3.27 -23.68 -24.87
C VAL A 93 -4.31 -22.94 -24.04
N PRO A 94 -3.97 -22.43 -22.86
CA PRO A 94 -4.96 -21.71 -22.06
C PRO A 94 -5.53 -20.54 -22.84
N ILE A 95 -6.78 -20.21 -22.54
CA ILE A 95 -7.44 -19.11 -23.25
C ILE A 95 -7.10 -17.78 -22.63
N ILE A 96 -7.23 -17.71 -21.31
CA ILE A 96 -7.02 -16.47 -20.58
C ILE A 96 -6.21 -16.81 -19.31
N ARG A 97 -5.10 -16.09 -19.09
CA ARG A 97 -4.26 -16.40 -17.95
C ARG A 97 -5.07 -16.28 -16.66
N GLU A 98 -4.60 -16.99 -15.62
CA GLU A 98 -5.26 -16.91 -14.32
C GLU A 98 -4.72 -15.71 -13.56
N PRO A 99 -5.51 -15.21 -12.61
CA PRO A 99 -5.07 -14.03 -11.86
C PRO A 99 -3.93 -14.39 -10.92
N SER A 100 -3.10 -13.39 -10.64
CA SER A 100 -2.09 -13.52 -9.59
C SER A 100 -2.76 -13.78 -8.25
N THR A 101 -2.08 -14.56 -7.41
CA THR A 101 -2.52 -14.81 -6.05
C THR A 101 -2.11 -13.69 -5.09
N HIS A 102 -0.98 -13.04 -5.36
CA HIS A 102 -0.42 -12.03 -4.47
C HIS A 102 0.23 -10.92 -5.28
N THR A 103 0.52 -9.82 -4.60
CA THR A 103 1.34 -8.78 -5.18
C THR A 103 2.37 -8.33 -4.16
N ILE A 104 3.57 -8.05 -4.66
CA ILE A 104 4.70 -7.73 -3.83
C ILE A 104 5.17 -6.34 -4.21
N PHE A 105 5.27 -5.45 -3.21
CA PHE A 105 5.71 -4.08 -3.39
C PHE A 105 7.13 -3.92 -2.88
N VAL A 106 7.97 -3.24 -3.67
CA VAL A 106 9.35 -2.98 -3.29
C VAL A 106 9.59 -1.49 -3.40
N LEU A 107 9.86 -0.86 -2.26
CA LEU A 107 10.14 0.56 -2.20
C LEU A 107 11.53 0.74 -1.63
N GLY A 108 12.30 1.63 -2.25
CA GLY A 108 13.64 1.91 -1.78
C GLY A 108 14.10 3.26 -2.28
N ARG A 109 15.08 3.80 -1.58
CA ARG A 109 15.67 5.10 -1.93
C ARG A 109 17.15 5.01 -1.60
N PRO A 110 17.91 4.21 -2.36
CA PRO A 110 17.47 3.59 -3.61
C PRO A 110 17.07 2.12 -3.51
N ILE A 111 16.67 1.54 -4.65
CA ILE A 111 16.57 0.10 -4.82
C ILE A 111 17.78 -0.35 -5.62
N THR A 112 18.71 -1.05 -4.99
CA THR A 112 19.84 -1.59 -5.74
C THR A 112 19.41 -2.78 -6.59
N ALA A 113 20.15 -3.01 -7.66
CA ALA A 113 19.97 -4.28 -8.38
C ALA A 113 20.13 -5.46 -7.43
N ALA A 114 21.10 -5.38 -6.51
CA ALA A 114 21.26 -6.40 -5.48
C ALA A 114 19.97 -6.60 -4.67
N ALA A 115 19.41 -5.50 -4.15
CA ALA A 115 18.15 -5.64 -3.41
C ALA A 115 17.09 -6.35 -4.27
N PHE A 116 16.87 -5.85 -5.49
CA PHE A 116 15.82 -6.45 -6.31
C PHE A 116 16.16 -7.89 -6.65
N GLY A 117 17.44 -8.20 -6.88
CA GLY A 117 17.82 -9.57 -7.19
C GLY A 117 17.54 -10.52 -6.06
N ALA A 118 17.77 -10.06 -4.82
CA ALA A 118 17.46 -10.84 -3.64
C ALA A 118 15.98 -11.13 -3.55
N VAL A 119 15.14 -10.12 -3.78
CA VAL A 119 13.70 -10.36 -3.86
C VAL A 119 13.40 -11.41 -4.92
N ALA A 120 13.91 -11.20 -6.13
CA ALA A 120 13.62 -12.14 -7.21
C ALA A 120 14.09 -13.54 -6.87
N ARG A 121 15.22 -13.66 -6.18
CA ARG A 121 15.72 -14.96 -5.80
C ARG A 121 14.87 -15.61 -4.72
N GLU A 122 14.57 -14.87 -3.64
CA GLU A 122 13.69 -15.41 -2.61
C GLU A 122 12.38 -15.87 -3.22
N VAL A 123 11.87 -15.12 -4.18
CA VAL A 123 10.62 -15.49 -4.83
C VAL A 123 10.80 -16.79 -5.59
N ALA A 124 11.75 -16.82 -6.53
CA ALA A 124 11.97 -17.99 -7.37
C ALA A 124 12.30 -19.24 -6.57
N ALA A 125 12.86 -19.07 -5.37
CA ALA A 125 13.20 -20.22 -4.55
C ALA A 125 11.96 -20.99 -4.11
N LEU A 126 10.95 -20.26 -3.60
CA LEU A 126 9.69 -20.82 -3.12
C LEU A 126 8.76 -21.31 -4.23
N GLY A 127 9.14 -21.38 -5.50
CA GLY A 127 8.18 -21.78 -6.51
C GLY A 127 7.17 -20.72 -6.86
N VAL A 128 7.42 -19.47 -6.48
CA VAL A 128 6.51 -18.37 -6.73
C VAL A 128 6.82 -17.81 -8.11
N ASN A 129 5.81 -17.80 -8.99
CA ASN A 129 5.97 -17.30 -10.35
C ASN A 129 5.68 -15.79 -10.41
N ILE A 130 6.44 -15.09 -11.23
CA ILE A 130 6.28 -13.64 -11.41
C ILE A 130 5.42 -13.43 -12.65
N ASP A 131 4.29 -12.75 -12.48
CA ASP A 131 3.35 -12.55 -13.57
C ASP A 131 3.49 -11.19 -14.24
N LEU A 132 3.88 -10.17 -13.50
CA LEU A 132 4.04 -8.83 -14.04
C LEU A 132 4.96 -8.05 -13.10
N ILE A 133 5.77 -7.18 -13.68
CA ILE A 133 6.51 -6.20 -12.90
C ILE A 133 6.24 -4.85 -13.52
N ARG A 134 5.84 -3.90 -12.70
CA ARG A 134 5.63 -2.55 -13.21
C ARG A 134 6.18 -1.60 -12.16
N GLY A 135 6.56 -0.41 -12.58
CA GLY A 135 6.92 0.63 -11.61
C GLY A 135 5.67 1.36 -11.13
N VAL A 136 5.51 1.50 -9.81
CA VAL A 136 4.38 2.27 -9.30
C VAL A 136 4.78 3.68 -8.86
N SER A 137 6.07 3.98 -8.71
CA SER A 137 6.44 5.34 -8.35
C SER A 137 7.90 5.63 -8.68
N ASP A 138 8.16 6.85 -9.14
CA ASP A 138 9.52 7.37 -9.20
C ASP A 138 9.79 8.40 -8.14
N TYR A 139 8.76 8.79 -7.37
CA TYR A 139 8.82 9.85 -6.38
C TYR A 139 7.72 9.57 -5.36
N PRO A 140 7.96 9.84 -4.05
CA PRO A 140 9.22 10.34 -3.45
C PRO A 140 10.32 9.26 -3.34
N VAL A 141 9.88 8.02 -3.58
CA VAL A 141 10.65 6.80 -3.43
C VAL A 141 10.47 5.99 -4.71
N ILE A 142 11.47 5.19 -5.08
CA ILE A 142 11.29 4.32 -6.22
C ILE A 142 10.41 3.15 -5.78
N GLY A 143 9.32 2.94 -6.49
CA GLY A 143 8.42 1.86 -6.14
C GLY A 143 8.19 0.91 -7.28
N LEU A 144 8.29 -0.40 -6.98
CA LEU A 144 8.11 -1.48 -7.93
C LEU A 144 7.08 -2.46 -7.36
N GLU A 145 6.32 -3.10 -8.26
CA GLU A 145 5.27 -4.05 -7.92
C GLU A 145 5.53 -5.34 -8.67
N LEU A 146 5.39 -6.47 -7.99
CA LEU A 146 5.45 -7.78 -8.62
C LEU A 146 4.11 -8.48 -8.35
N ARG A 147 3.32 -8.68 -9.39
CA ARG A 147 2.17 -9.55 -9.27
C ARG A 147 2.67 -10.97 -9.43
N VAL A 148 2.36 -11.83 -8.45
CA VAL A 148 2.96 -13.16 -8.38
C VAL A 148 1.87 -14.21 -8.22
N SER A 149 2.21 -15.44 -8.54
CA SER A 149 1.34 -16.58 -8.26
C SER A 149 2.06 -17.47 -7.25
N VAL A 150 1.56 -17.51 -6.03
CA VAL A 150 2.23 -18.19 -4.93
C VAL A 150 1.62 -19.57 -4.76
N PRO A 151 2.42 -20.63 -4.76
CA PRO A 151 1.87 -21.98 -4.53
C PRO A 151 1.15 -22.05 -3.20
N PRO A 152 0.01 -22.74 -3.16
CA PRO A 152 -0.75 -22.84 -1.92
C PRO A 152 0.13 -23.24 -0.74
N GLY A 153 0.09 -22.46 0.32
CA GLY A 153 0.81 -22.75 1.55
C GLY A 153 2.08 -21.94 1.73
N ALA A 154 2.75 -21.58 0.62
CA ALA A 154 4.01 -20.83 0.68
C ALA A 154 3.80 -19.39 1.10
N ASP A 155 2.56 -18.92 1.15
CA ASP A 155 2.16 -17.63 1.70
C ASP A 155 3.06 -17.22 2.87
N GLU A 156 3.09 -18.05 3.91
CA GLU A 156 3.80 -17.68 5.14
C GLU A 156 5.30 -17.63 4.92
N ALA A 157 5.87 -18.72 4.37
CA ALA A 157 7.32 -18.78 4.17
C ALA A 157 7.82 -17.61 3.33
N LEU A 158 7.02 -17.18 2.34
CA LEU A 158 7.47 -16.10 1.45
C LEU A 158 7.55 -14.76 2.18
N ARG A 159 6.60 -14.50 3.08
CA ARG A 159 6.66 -13.24 3.83
C ARG A 159 7.91 -13.18 4.70
N THR A 160 8.34 -14.32 5.23
CA THR A 160 9.53 -14.31 6.08
C THR A 160 10.79 -14.06 5.25
N ALA A 161 10.99 -14.85 4.19
CA ALA A 161 12.08 -14.58 3.26
C ALA A 161 12.18 -13.10 2.92
N LEU A 162 11.08 -12.50 2.46
CA LEU A 162 11.10 -11.12 2.02
C LEU A 162 11.30 -10.15 3.19
N ASN A 163 10.98 -10.57 4.41
CA ASN A 163 11.32 -9.72 5.55
C ASN A 163 12.82 -9.75 5.83
N ARG A 164 13.44 -10.93 5.71
CA ARG A 164 14.90 -11.02 5.77
C ARG A 164 15.54 -10.20 4.65
N VAL A 165 15.06 -10.37 3.41
CA VAL A 165 15.56 -9.57 2.29
C VAL A 165 15.43 -8.08 2.60
N SER A 166 14.24 -7.66 3.04
CA SER A 166 14.00 -6.26 3.31
C SER A 166 15.12 -5.65 4.13
N SER A 167 15.42 -6.24 5.29
CA SER A 167 16.36 -5.61 6.24
C SER A 167 17.80 -5.77 5.80
N GLU A 168 18.15 -6.92 5.22
CA GLU A 168 19.51 -7.14 4.69
C GLU A 168 19.84 -6.15 3.58
N GLU A 169 18.87 -5.81 2.75
CA GLU A 169 19.11 -5.03 1.54
C GLU A 169 18.57 -3.60 1.60
N HIS A 170 17.89 -3.19 2.68
CA HIS A 170 17.47 -1.80 2.87
C HIS A 170 16.42 -1.34 1.86
N VAL A 171 15.42 -2.18 1.62
CA VAL A 171 14.20 -1.77 0.94
C VAL A 171 13.02 -2.25 1.77
N ASP A 172 11.89 -1.56 1.64
CA ASP A 172 10.63 -2.09 2.13
C ASP A 172 10.12 -3.11 1.14
N VAL A 173 9.58 -4.22 1.65
CA VAL A 173 9.03 -5.31 0.84
C VAL A 173 7.77 -5.82 1.53
N ALA A 174 6.62 -5.63 0.89
CA ALA A 174 5.35 -6.06 1.44
C ALA A 174 4.64 -7.03 0.50
N VAL A 175 4.12 -8.11 1.05
CA VAL A 175 3.38 -9.12 0.29
C VAL A 175 1.91 -8.98 0.65
N GLU A 176 1.08 -8.65 -0.33
CA GLU A 176 -0.36 -8.55 -0.14
C GLU A 176 -1.09 -9.59 -0.96
N ASP A 177 -2.15 -10.14 -0.37
CA ASP A 177 -3.14 -10.93 -1.09
C ASP A 177 -3.74 -10.09 -2.21
N TYR A 178 -3.73 -10.61 -3.43
CA TYR A 178 -4.25 -9.87 -4.58
C TYR A 178 -5.62 -10.40 -5.01
N THR A 179 -6.46 -10.76 -4.05
CA THR A 179 -7.80 -11.24 -4.33
C THR A 179 -8.75 -10.07 -4.51
N LEU A 180 -9.88 -10.35 -5.16
CA LEU A 180 -10.99 -9.40 -5.27
C LEU A 180 -11.34 -8.80 -3.91
N GLU A 181 -11.55 -9.67 -2.91
CA GLU A 181 -12.04 -9.23 -1.62
C GLU A 181 -11.03 -8.34 -0.91
N ARG A 182 -9.88 -8.92 -0.54
CA ARG A 182 -8.84 -8.21 0.19
C ARG A 182 -8.34 -6.96 -0.52
N ARG A 183 -8.75 -6.72 -1.77
CA ARG A 183 -8.30 -5.53 -2.48
C ARG A 183 -9.21 -4.34 -2.21
N ALA A 184 -10.53 -4.55 -2.17
CA ALA A 184 -11.49 -3.45 -1.95
C ALA A 184 -11.55 -3.04 -0.46
N LYS A 185 -10.42 -2.54 0.02
CA LYS A 185 -10.37 -1.88 1.33
C LYS A 185 -11.13 -0.55 1.26
N ARG A 186 -11.60 -0.10 2.42
CA ARG A 186 -12.50 1.06 2.44
C ARG A 186 -12.37 1.92 3.69
N LEU A 187 -11.58 1.50 4.67
CA LEU A 187 -11.45 2.27 5.91
C LEU A 187 -10.00 2.25 6.37
N ILE A 188 -9.48 3.42 6.72
CA ILE A 188 -8.11 3.56 7.20
C ILE A 188 -8.12 4.42 8.46
N VAL A 189 -7.41 3.97 9.48
CA VAL A 189 -7.16 4.76 10.68
C VAL A 189 -5.65 4.99 10.77
N PHE A 190 -5.28 6.21 11.15
CA PHE A 190 -3.90 6.58 11.41
C PHE A 190 -3.68 6.82 12.89
N ASP A 191 -2.57 6.30 13.40
CA ASP A 191 -2.03 6.83 14.64
C ASP A 191 -1.61 8.26 14.38
N VAL A 192 -1.64 9.10 15.43
CA VAL A 192 -1.32 10.50 15.22
C VAL A 192 0.18 10.75 15.36
N ASP A 193 0.69 10.57 16.58
CA ASP A 193 2.05 10.97 16.91
C ASP A 193 3.07 10.10 16.16
N SER A 194 3.95 10.76 15.38
CA SER A 194 5.01 10.15 14.56
C SER A 194 4.44 9.26 13.46
N THR A 195 3.15 9.40 13.17
CA THR A 195 2.58 8.76 12.00
C THR A 195 1.96 9.81 11.09
N LEU A 196 0.75 10.29 11.41
CA LEU A 196 0.16 11.37 10.64
C LEU A 196 0.86 12.69 10.89
N VAL A 197 1.44 12.84 12.08
CA VAL A 197 2.00 14.09 12.55
C VAL A 197 3.44 13.86 12.97
N GLN A 198 4.33 14.75 12.58
CA GLN A 198 5.70 14.70 13.04
C GLN A 198 5.79 14.90 14.54
N GLY A 199 6.60 14.05 15.19
CA GLY A 199 6.94 14.21 16.58
C GLY A 199 5.86 13.71 17.52
N GLU A 200 6.08 14.00 18.80
CA GLU A 200 5.20 13.56 19.88
C GLU A 200 4.59 14.79 20.54
N VAL A 201 3.26 14.87 20.50
CA VAL A 201 2.57 16.00 21.13
C VAL A 201 2.93 16.08 22.61
N ILE A 202 3.00 14.94 23.28
CA ILE A 202 3.32 14.97 24.70
C ILE A 202 4.71 15.55 24.92
N GLU A 203 5.63 15.34 23.98
CA GLU A 203 6.95 15.97 24.15
C GLU A 203 6.87 17.47 23.94
N MET A 204 6.03 17.90 22.98
CA MET A 204 5.83 19.33 22.77
C MET A 204 5.22 19.99 24.00
N LEU A 205 4.24 19.32 24.61
CA LEU A 205 3.65 19.81 25.84
C LEU A 205 4.66 19.77 26.99
N ALA A 206 5.32 18.62 27.17
CA ALA A 206 6.30 18.49 28.26
C ALA A 206 7.38 19.55 28.18
N ALA A 207 7.66 20.07 26.97
CA ALA A 207 8.65 21.12 26.85
C ALA A 207 8.21 22.38 27.59
N LYS A 208 6.95 22.79 27.41
CA LYS A 208 6.44 23.96 28.09
C LYS A 208 6.60 23.88 29.61
N ALA A 209 6.78 22.68 30.17
CA ALA A 209 7.06 22.51 31.59
C ALA A 209 8.54 22.29 31.88
N GLY A 210 9.39 22.41 30.86
CA GLY A 210 10.79 22.08 31.07
C GLY A 210 11.00 20.62 31.42
N ALA A 211 10.13 19.74 30.93
CA ALA A 211 10.22 18.31 31.21
C ALA A 211 10.45 17.48 29.95
N GLU A 212 10.84 18.11 28.84
CA GLU A 212 10.85 17.37 27.59
C GLU A 212 11.82 16.19 27.65
N GLY A 213 12.90 16.31 28.43
CA GLY A 213 13.88 15.27 28.58
C GLY A 213 13.33 13.98 29.15
N GLN A 214 12.95 13.98 30.42
CA GLN A 214 12.28 12.83 31.00
C GLN A 214 11.14 12.32 30.12
N VAL A 215 10.32 13.24 29.58
CA VAL A 215 9.13 12.79 28.89
C VAL A 215 9.48 12.03 27.62
N ALA A 216 10.53 12.47 26.91
CA ALA A 216 10.93 11.81 25.67
C ALA A 216 11.55 10.44 25.93
N ALA A 217 12.27 10.30 27.06
CA ALA A 217 12.84 9.01 27.44
C ALA A 217 11.74 7.97 27.70
N ILE A 218 10.73 8.36 28.47
CA ILE A 218 9.62 7.46 28.76
C ILE A 218 8.85 7.14 27.48
N THR A 219 8.60 8.14 26.63
CA THR A 219 7.92 7.86 25.37
C THR A 219 8.68 6.82 24.55
N ASP A 220 10.01 6.97 24.46
CA ASP A 220 10.81 5.98 23.73
C ASP A 220 10.59 4.59 24.31
N ALA A 221 10.69 4.46 25.64
CA ALA A 221 10.50 3.16 26.28
C ALA A 221 9.11 2.60 25.99
N ALA A 222 8.07 3.45 26.04
CA ALA A 222 6.71 2.98 25.83
C ALA A 222 6.49 2.52 24.39
N MET A 223 6.97 3.31 23.42
CA MET A 223 6.81 3.00 22.01
C MET A 223 7.61 1.78 21.57
N ARG A 224 8.67 1.42 22.30
CA ARG A 224 9.46 0.23 21.99
C ARG A 224 8.91 -1.03 22.63
N GLY A 225 7.80 -0.95 23.37
CA GLY A 225 7.32 -2.08 24.14
C GLY A 225 8.05 -2.33 25.45
N GLU A 226 8.76 -1.32 25.97
CA GLU A 226 9.50 -1.51 27.22
C GLU A 226 8.61 -1.28 28.44
N LEU A 227 7.62 -0.40 28.35
CA LEU A 227 6.80 -0.01 29.48
C LEU A 227 5.33 -0.13 29.12
N ASP A 228 4.51 -0.41 30.13
CA ASP A 228 3.06 -0.43 29.93
C ASP A 228 2.60 0.93 29.42
N PHE A 229 1.70 0.92 28.43
CA PHE A 229 1.31 2.20 27.85
C PHE A 229 0.50 3.04 28.85
N ALA A 230 -0.36 2.40 29.63
CA ALA A 230 -1.13 3.17 30.60
C ALA A 230 -0.23 3.86 31.62
N GLN A 231 0.70 3.12 32.24
CA GLN A 231 1.59 3.75 33.22
C GLN A 231 2.44 4.83 32.57
N SER A 232 2.89 4.60 31.34
CA SER A 232 3.74 5.59 30.67
C SER A 232 2.96 6.87 30.38
N LEU A 233 1.69 6.72 29.98
CA LEU A 233 0.86 7.89 29.76
C LEU A 233 0.72 8.68 31.07
N GLN A 234 0.37 7.99 32.15
CA GLN A 234 0.14 8.67 33.41
C GLN A 234 1.41 9.37 33.90
N GLN A 235 2.57 8.74 33.74
CA GLN A 235 3.83 9.36 34.16
C GLN A 235 4.15 10.58 33.30
N ARG A 236 3.89 10.52 32.00
CA ARG A 236 4.31 11.65 31.17
C ARG A 236 3.33 12.81 31.34
N VAL A 237 2.03 12.54 31.32
CA VAL A 237 1.09 13.63 31.49
C VAL A 237 1.25 14.28 32.86
N ALA A 238 1.66 13.51 33.88
CA ALA A 238 1.85 14.10 35.20
C ALA A 238 2.84 15.25 35.17
N THR A 239 3.85 15.17 34.29
CA THR A 239 4.80 16.28 34.16
C THR A 239 4.14 17.56 33.67
N LEU A 240 2.91 17.49 33.16
CA LEU A 240 2.23 18.70 32.75
C LEU A 240 1.47 19.40 33.89
N ALA A 241 1.37 18.78 35.07
CA ALA A 241 0.64 19.35 36.18
C ALA A 241 1.05 20.80 36.43
N GLY A 242 0.08 21.72 36.36
CA GLY A 242 0.34 23.11 36.60
C GLY A 242 0.43 23.98 35.36
N LEU A 243 0.53 23.40 34.17
CA LEU A 243 0.54 24.21 32.97
C LEU A 243 -0.85 24.80 32.73
N PRO A 244 -0.94 26.07 32.30
CA PRO A 244 -2.23 26.60 31.87
C PRO A 244 -2.79 25.81 30.69
N ALA A 245 -4.12 25.66 30.65
CA ALA A 245 -4.76 25.00 29.52
C ALA A 245 -4.55 25.75 28.22
N THR A 246 -4.12 27.02 28.27
CA THR A 246 -3.79 27.77 27.07
C THR A 246 -2.75 27.06 26.22
N VAL A 247 -1.94 26.19 26.83
CA VAL A 247 -0.82 25.58 26.13
C VAL A 247 -1.29 24.56 25.10
N ILE A 248 -2.45 23.97 25.31
CA ILE A 248 -3.02 23.03 24.35
C ILE A 248 -3.12 23.69 22.97
N ASP A 249 -3.80 24.84 22.92
CA ASP A 249 -3.93 25.57 21.65
C ASP A 249 -2.56 25.86 21.05
N GLU A 250 -1.60 26.30 21.86
CA GLU A 250 -0.30 26.64 21.31
C GLU A 250 0.36 25.43 20.66
N VAL A 251 0.47 24.33 21.40
CA VAL A 251 1.06 23.11 20.83
C VAL A 251 0.31 22.68 19.57
N ALA A 252 -1.02 22.80 19.61
CA ALA A 252 -1.83 22.55 18.43
C ALA A 252 -1.30 23.31 17.22
N GLY A 253 -1.04 24.60 17.41
CA GLY A 253 -0.56 25.40 16.29
C GLY A 253 0.83 25.03 15.79
N GLN A 254 1.67 24.42 16.64
CA GLN A 254 3.01 24.05 16.23
C GLN A 254 3.04 22.80 15.34
N LEU A 255 1.92 22.10 15.15
CA LEU A 255 1.98 20.76 14.58
C LEU A 255 2.35 20.80 13.10
N GLU A 256 3.31 19.98 12.71
CA GLU A 256 3.68 19.77 11.31
C GLU A 256 3.16 18.41 10.86
N LEU A 257 2.35 18.39 9.79
CA LEU A 257 1.92 17.10 9.24
C LEU A 257 3.13 16.30 8.74
N MET A 258 3.01 14.97 8.80
CA MET A 258 3.99 14.11 8.13
C MET A 258 4.05 14.45 6.65
N PRO A 259 5.24 14.54 6.07
CA PRO A 259 5.35 14.76 4.61
C PRO A 259 4.51 13.75 3.85
N GLY A 260 3.73 14.24 2.88
CA GLY A 260 2.81 13.43 2.11
C GLY A 260 1.50 13.10 2.80
N ALA A 261 1.32 13.52 4.06
CA ALA A 261 0.08 13.28 4.78
C ALA A 261 -1.11 13.83 4.02
N ARG A 262 -0.99 15.06 3.53
CA ARG A 262 -2.13 15.68 2.85
C ARG A 262 -2.40 14.97 1.55
N THR A 263 -1.35 14.69 0.80
CA THR A 263 -1.50 13.89 -0.42
C THR A 263 -2.17 12.57 -0.10
N THR A 264 -1.80 11.94 1.03
CA THR A 264 -2.35 10.63 1.39
C THR A 264 -3.85 10.71 1.63
N LEU A 265 -4.30 11.72 2.41
CA LEU A 265 -5.72 11.81 2.73
C LEU A 265 -6.53 12.20 1.51
N ARG A 266 -6.08 13.22 0.78
CA ARG A 266 -6.76 13.60 -0.46
C ARG A 266 -6.91 12.39 -1.38
N THR A 267 -5.84 11.63 -1.56
CA THR A 267 -5.93 10.47 -2.45
C THR A 267 -6.90 9.44 -1.89
N LEU A 268 -6.92 9.25 -0.57
CA LEU A 268 -7.83 8.25 -0.01
C LEU A 268 -9.27 8.73 -0.07
N ARG A 269 -9.50 10.04 0.01
CA ARG A 269 -10.87 10.52 -0.19
C ARG A 269 -11.32 10.24 -1.62
N ARG A 270 -10.42 10.36 -2.59
CA ARG A 270 -10.78 10.06 -3.97
C ARG A 270 -11.21 8.61 -4.13
N LEU A 271 -10.62 7.69 -3.36
CA LEU A 271 -10.95 6.28 -3.46
C LEU A 271 -12.16 5.88 -2.63
N GLY A 272 -12.80 6.84 -1.95
CA GLY A 272 -13.97 6.55 -1.15
C GLY A 272 -13.70 6.01 0.24
N TYR A 273 -12.47 6.15 0.75
CA TYR A 273 -12.14 5.65 2.07
C TYR A 273 -12.86 6.43 3.17
N ALA A 274 -13.31 5.72 4.20
CA ALA A 274 -13.53 6.36 5.49
C ALA A 274 -12.19 6.52 6.17
N CYS A 275 -11.97 7.69 6.79
CA CYS A 275 -10.68 8.03 7.36
C CYS A 275 -10.85 8.53 8.80
N GLY A 276 -10.06 7.98 9.73
CA GLY A 276 -10.04 8.46 11.09
C GLY A 276 -8.66 8.35 11.70
N VAL A 277 -8.54 8.87 12.93
CA VAL A 277 -7.32 8.77 13.72
C VAL A 277 -7.64 8.14 15.07
N VAL A 278 -6.67 7.40 15.58
CA VAL A 278 -6.81 6.71 16.85
C VAL A 278 -5.50 6.92 17.61
N SER A 279 -5.51 7.79 18.63
CA SER A 279 -4.27 8.08 19.34
C SER A 279 -4.46 7.97 20.84
N GLY A 280 -3.35 7.72 21.52
CA GLY A 280 -3.30 7.91 22.95
C GLY A 280 -3.07 9.34 23.37
N GLY A 281 -2.91 10.26 22.40
CA GLY A 281 -2.81 11.68 22.67
C GLY A 281 -4.13 12.28 23.09
N PHE A 282 -4.32 13.56 22.80
CA PHE A 282 -5.32 14.36 23.50
C PHE A 282 -6.31 14.97 22.52
N ARG A 283 -7.59 14.64 22.73
CA ARG A 283 -8.66 15.03 21.83
C ARG A 283 -8.66 16.53 21.52
N ARG A 284 -8.26 17.35 22.50
CA ARG A 284 -8.30 18.80 22.32
C ARG A 284 -7.28 19.31 21.32
N ILE A 285 -6.18 18.59 21.11
CA ILE A 285 -5.23 18.90 20.04
C ILE A 285 -5.68 18.27 18.72
N ILE A 286 -6.04 16.99 18.79
CA ILE A 286 -6.31 16.22 17.58
C ILE A 286 -7.56 16.72 16.87
N GLU A 287 -8.57 17.15 17.62
CA GLU A 287 -9.83 17.55 17.00
C GLU A 287 -9.69 18.73 16.04
N PRO A 288 -8.94 19.79 16.37
CA PRO A 288 -8.67 20.83 15.36
C PRO A 288 -8.24 20.26 14.02
N LEU A 289 -7.27 19.35 14.02
CA LEU A 289 -6.77 18.82 12.75
C LEU A 289 -7.76 17.83 12.14
N ALA A 290 -8.39 17.01 12.97
CA ALA A 290 -9.43 16.11 12.48
C ALA A 290 -10.46 16.89 11.67
N GLU A 291 -10.88 18.06 12.17
CA GLU A 291 -11.80 18.91 11.41
C GLU A 291 -11.13 19.44 10.15
N GLU A 292 -9.96 20.05 10.28
CA GLU A 292 -9.29 20.59 9.10
C GLU A 292 -9.14 19.55 8.01
N LEU A 293 -8.81 18.32 8.38
CA LEU A 293 -8.58 17.27 7.41
C LEU A 293 -9.85 16.55 6.99
N MET A 294 -11.01 17.08 7.38
CA MET A 294 -12.30 16.46 7.13
C MET A 294 -12.25 14.96 7.45
N LEU A 295 -11.85 14.63 8.67
CA LEU A 295 -11.77 13.23 9.06
C LEU A 295 -13.13 12.73 9.56
N ASP A 296 -13.34 11.42 9.40
CA ASP A 296 -14.62 10.82 9.75
C ASP A 296 -14.69 10.34 11.19
N TYR A 297 -13.55 10.13 11.82
CA TYR A 297 -13.55 9.49 13.13
C TYR A 297 -12.29 9.88 13.91
N VAL A 298 -12.48 10.22 15.20
CA VAL A 298 -11.38 10.54 16.10
C VAL A 298 -11.63 9.84 17.42
N ALA A 299 -10.70 8.96 17.83
CA ALA A 299 -10.65 8.41 19.18
C ALA A 299 -9.36 8.90 19.82
N ALA A 300 -9.47 9.44 21.04
CA ALA A 300 -8.30 10.03 21.69
C ALA A 300 -8.53 10.12 23.19
N ASN A 301 -7.44 10.28 23.92
CA ASN A 301 -7.50 10.47 25.37
C ASN A 301 -7.90 11.91 25.69
N GLU A 302 -7.97 12.23 26.98
CA GLU A 302 -8.53 13.51 27.43
C GLU A 302 -7.79 14.06 28.63
N LEU A 303 -7.25 15.26 28.48
CA LEU A 303 -6.56 15.94 29.56
C LEU A 303 -7.56 16.47 30.57
N GLU A 304 -7.31 16.20 31.85
CA GLU A 304 -8.10 16.77 32.91
C GLU A 304 -7.71 18.23 33.10
N ILE A 305 -8.70 19.09 33.33
CA ILE A 305 -8.46 20.51 33.55
C ILE A 305 -9.27 20.98 34.75
N VAL A 306 -8.67 21.87 35.53
CA VAL A 306 -9.29 22.44 36.72
C VAL A 306 -8.93 23.92 36.75
N ASP A 307 -9.91 24.79 37.01
CA ASP A 307 -9.75 26.23 36.86
C ASP A 307 -8.78 26.57 35.74
N GLY A 308 -9.03 26.04 34.54
CA GLY A 308 -8.21 26.39 33.39
C GLY A 308 -6.75 25.96 33.44
N THR A 309 -6.42 25.01 34.33
CA THR A 309 -5.06 24.51 34.48
C THR A 309 -5.09 22.99 34.37
N LEU A 310 -4.04 22.41 33.82
CA LEU A 310 -4.00 20.96 33.71
C LEU A 310 -3.57 20.36 35.05
N THR A 311 -4.11 19.19 35.36
CA THR A 311 -3.80 18.58 36.65
C THR A 311 -2.63 17.61 36.60
N GLY A 312 -2.28 17.12 35.41
CA GLY A 312 -1.35 16.02 35.28
C GLY A 312 -2.01 14.68 35.07
N ARG A 313 -3.32 14.63 35.01
CA ARG A 313 -4.07 13.41 34.83
C ARG A 313 -4.85 13.47 33.52
N VAL A 314 -5.19 12.28 33.01
CA VAL A 314 -6.14 12.13 31.93
C VAL A 314 -7.43 11.56 32.52
N VAL A 315 -8.53 11.76 31.79
CA VAL A 315 -9.85 11.43 32.26
C VAL A 315 -10.26 10.07 31.73
N GLY A 316 -11.27 9.48 32.36
CA GLY A 316 -12.04 8.39 31.80
C GLY A 316 -11.20 7.22 31.30
N PRO A 317 -11.76 6.47 30.36
CA PRO A 317 -10.99 5.37 29.73
C PRO A 317 -9.75 5.91 29.03
N ILE A 318 -8.60 5.38 29.43
CA ILE A 318 -7.36 5.58 28.69
C ILE A 318 -7.41 4.69 27.45
N ILE A 319 -7.30 5.31 26.28
CA ILE A 319 -7.07 4.52 25.07
C ILE A 319 -5.67 3.93 25.14
N ASP A 320 -5.58 2.66 25.52
CA ASP A 320 -4.33 1.94 25.65
C ASP A 320 -4.11 1.12 24.39
N ARG A 321 -3.15 0.18 24.43
CA ARG A 321 -2.93 -0.69 23.27
C ARG A 321 -4.21 -1.39 22.85
N ALA A 322 -4.87 -2.06 23.79
CA ALA A 322 -6.13 -2.72 23.46
C ALA A 322 -7.20 -1.71 23.07
N GLY A 323 -7.18 -0.52 23.67
CA GLY A 323 -8.18 0.47 23.34
C GLY A 323 -8.06 1.03 21.94
N LYS A 324 -6.87 0.95 21.34
CA LYS A 324 -6.74 1.39 19.95
C LYS A 324 -7.43 0.42 19.01
N ALA A 325 -7.32 -0.89 19.26
CA ALA A 325 -8.08 -1.86 18.49
C ALA A 325 -9.57 -1.65 18.70
N THR A 326 -10.02 -1.56 19.95
CA THR A 326 -11.42 -1.30 20.22
C THR A 326 -11.95 -0.13 19.40
N ALA A 327 -11.19 0.96 19.32
CA ALA A 327 -11.66 2.14 18.58
C ALA A 327 -11.83 1.82 17.09
N LEU A 328 -10.92 1.01 16.51
CA LEU A 328 -11.02 0.71 15.09
C LEU A 328 -12.26 -0.12 14.79
N ARG A 329 -12.65 -1.01 15.70
CA ARG A 329 -13.91 -1.73 15.56
C ARG A 329 -15.10 -0.79 15.68
N GLU A 330 -15.11 0.05 16.71
CA GLU A 330 -16.12 1.10 16.76
C GLU A 330 -16.25 1.79 15.41
N PHE A 331 -15.13 2.29 14.89
CA PHE A 331 -15.13 3.02 13.63
C PHE A 331 -15.68 2.15 12.51
N ALA A 332 -15.22 0.91 12.41
CA ALA A 332 -15.60 0.01 11.33
C ALA A 332 -17.02 -0.53 11.51
N GLN A 333 -17.55 -0.48 12.73
CA GLN A 333 -18.96 -0.77 12.98
C GLN A 333 -19.83 0.41 12.55
N ARG A 334 -19.53 1.61 13.08
CA ARG A 334 -20.22 2.82 12.65
C ARG A 334 -20.19 3.00 11.13
N ALA A 335 -19.18 2.45 10.46
CA ALA A 335 -18.98 2.65 9.03
C ALA A 335 -19.43 1.46 8.19
N GLY A 336 -19.93 0.40 8.82
CA GLY A 336 -20.34 -0.77 8.06
C GLY A 336 -19.25 -1.34 7.18
N VAL A 337 -18.02 -1.38 7.67
CA VAL A 337 -16.90 -1.94 6.92
C VAL A 337 -16.37 -3.16 7.67
N PRO A 338 -16.37 -4.34 7.07
CA PRO A 338 -15.76 -5.50 7.71
C PRO A 338 -14.26 -5.29 7.98
N MET A 339 -13.86 -5.66 9.19
CA MET A 339 -12.47 -5.56 9.63
C MET A 339 -11.47 -5.99 8.55
N ALA A 340 -11.83 -6.92 7.68
CA ALA A 340 -10.87 -7.37 6.65
C ALA A 340 -10.65 -6.31 5.57
N GLN A 341 -11.54 -5.32 5.46
CA GLN A 341 -11.38 -4.20 4.55
C GLN A 341 -10.79 -2.95 5.22
N THR A 342 -10.23 -3.09 6.43
CA THR A 342 -9.73 -1.95 7.19
C THR A 342 -8.21 -1.87 7.11
N VAL A 343 -7.71 -0.65 7.20
CA VAL A 343 -6.29 -0.36 7.17
C VAL A 343 -5.93 0.41 8.44
N ALA A 344 -4.89 -0.04 9.15
CA ALA A 344 -4.34 0.71 10.26
C ALA A 344 -2.88 0.97 9.99
N VAL A 345 -2.45 2.20 10.28
CA VAL A 345 -1.09 2.68 10.08
C VAL A 345 -0.60 3.25 11.40
N GLY A 346 0.50 2.71 11.94
CA GLY A 346 1.03 3.17 13.21
C GLY A 346 2.53 3.03 13.26
N ASP A 347 3.14 3.66 14.26
CA ASP A 347 4.59 3.64 14.40
C ASP A 347 5.12 2.99 15.69
N GLY A 348 4.30 2.87 16.74
CA GLY A 348 4.76 2.40 18.03
C GLY A 348 4.08 1.12 18.49
N ALA A 349 4.63 0.56 19.58
CA ALA A 349 4.05 -0.63 20.19
C ALA A 349 2.65 -0.36 20.73
N ASN A 350 2.39 0.91 21.03
CA ASN A 350 1.08 1.47 21.30
C ASN A 350 0.06 0.93 20.29
N ASP A 351 0.56 0.58 19.09
CA ASP A 351 -0.26 0.31 17.91
C ASP A 351 -0.39 -1.17 17.56
N ILE A 352 0.36 -2.05 18.24
CA ILE A 352 0.42 -3.47 17.87
C ILE A 352 -0.96 -4.09 17.74
N ASP A 353 -1.86 -3.81 18.68
CA ASP A 353 -3.20 -4.41 18.63
C ASP A 353 -4.04 -3.81 17.49
N MET A 354 -3.97 -2.50 17.29
CA MET A 354 -4.65 -1.90 16.15
C MET A 354 -4.26 -2.57 14.84
N LEU A 355 -2.96 -2.57 14.53
CA LEU A 355 -2.49 -3.15 13.29
C LEU A 355 -2.94 -4.59 13.14
N ALA A 356 -2.83 -5.37 14.22
CA ALA A 356 -3.14 -6.80 14.16
C ALA A 356 -4.62 -7.05 13.94
N ALA A 357 -5.48 -6.15 14.42
CA ALA A 357 -6.92 -6.26 14.20
C ALA A 357 -7.33 -5.80 12.81
N ALA A 358 -6.54 -4.93 12.19
CA ALA A 358 -6.90 -4.38 10.89
C ALA A 358 -6.65 -5.41 9.79
N GLY A 359 -7.44 -5.29 8.71
CA GLY A 359 -7.20 -6.13 7.55
C GLY A 359 -5.81 -5.98 6.99
N LEU A 360 -5.33 -4.73 6.88
CA LEU A 360 -3.94 -4.45 6.53
C LEU A 360 -3.30 -3.61 7.64
N GLY A 361 -2.23 -4.14 8.26
CA GLY A 361 -1.48 -3.43 9.28
C GLY A 361 -0.15 -2.89 8.79
N ILE A 362 0.00 -1.57 8.76
CA ILE A 362 1.15 -0.90 8.16
C ILE A 362 1.93 -0.21 9.27
N ALA A 363 3.11 -0.73 9.55
CA ALA A 363 4.07 -0.06 10.42
C ALA A 363 4.82 1.02 9.66
N PHE A 364 4.81 2.24 10.18
CA PHE A 364 5.38 3.39 9.48
C PHE A 364 6.52 3.99 10.29
N ASN A 365 7.74 3.93 9.75
CA ASN A 365 8.96 4.32 10.46
C ASN A 365 8.84 3.98 11.94
N ALA A 366 8.71 2.67 12.17
CA ALA A 366 8.21 2.09 13.41
C ALA A 366 9.31 1.36 14.17
N LYS A 367 9.19 1.40 15.51
CA LYS A 367 10.11 0.67 16.38
C LYS A 367 10.05 -0.83 16.05
N PRO A 368 11.08 -1.59 16.44
CA PRO A 368 11.11 -3.00 16.05
C PRO A 368 9.92 -3.81 16.55
N ALA A 369 9.38 -3.46 17.73
CA ALA A 369 8.27 -4.22 18.29
C ALA A 369 7.07 -4.26 17.33
N LEU A 370 6.82 -3.15 16.61
CA LEU A 370 5.69 -3.08 15.70
C LEU A 370 6.01 -3.71 14.35
N ARG A 371 7.17 -3.39 13.77
CA ARG A 371 7.56 -4.03 12.52
C ARG A 371 7.39 -5.54 12.61
N GLU A 372 7.77 -6.12 13.75
CA GLU A 372 7.76 -7.57 13.90
C GLU A 372 6.36 -8.16 13.73
N VAL A 373 5.31 -7.39 14.06
CA VAL A 373 3.94 -7.90 13.98
C VAL A 373 3.16 -7.35 12.79
N ALA A 374 3.70 -6.35 12.09
CA ALA A 374 2.94 -5.64 11.07
C ALA A 374 2.74 -6.51 9.83
N ASP A 375 1.70 -6.19 9.07
CA ASP A 375 1.54 -6.84 7.77
C ASP A 375 2.58 -6.32 6.79
N ALA A 376 2.87 -5.02 6.84
CA ALA A 376 3.89 -4.42 6.00
C ALA A 376 4.53 -3.25 6.74
N SER A 377 5.76 -2.93 6.37
CA SER A 377 6.50 -1.86 7.00
C SER A 377 7.04 -0.91 5.96
N LEU A 378 6.96 0.39 6.28
CA LEU A 378 7.49 1.46 5.45
C LEU A 378 8.61 2.17 6.19
N SER A 379 9.71 2.45 5.49
CA SER A 379 10.94 2.92 6.11
C SER A 379 11.30 4.33 5.69
N HIS A 380 10.43 5.01 4.93
CA HIS A 380 10.84 6.30 4.43
C HIS A 380 9.93 7.39 4.94
N PRO A 381 10.45 8.58 5.20
CA PRO A 381 9.67 9.62 5.89
C PRO A 381 8.62 10.26 4.99
N TYR A 382 7.86 9.46 4.24
CA TYR A 382 6.75 9.93 3.42
C TYR A 382 5.55 9.05 3.68
N LEU A 383 4.51 9.64 4.28
CA LEU A 383 3.27 8.93 4.56
C LEU A 383 2.53 8.52 3.29
N ASP A 384 2.77 9.19 2.15
CA ASP A 384 2.07 8.78 0.92
C ASP A 384 2.59 7.47 0.37
N THR A 385 3.74 6.98 0.83
CA THR A 385 4.10 5.61 0.44
C THR A 385 3.08 4.61 0.93
N VAL A 386 2.25 5.00 1.90
CA VAL A 386 1.06 4.20 2.24
C VAL A 386 0.19 3.96 1.01
N LEU A 387 0.03 4.99 0.17
CA LEU A 387 -0.79 4.83 -1.03
C LEU A 387 -0.30 3.69 -1.90
N PHE A 388 1.01 3.61 -2.13
CA PHE A 388 1.55 2.59 -3.02
C PHE A 388 1.17 1.18 -2.55
N LEU A 389 1.12 0.95 -1.23
CA LEU A 389 0.71 -0.35 -0.68
C LEU A 389 -0.78 -0.57 -0.84
N LEU A 390 -1.54 0.48 -1.15
CA LEU A 390 -2.97 0.36 -1.41
C LEU A 390 -3.26 0.35 -2.92
N GLY A 391 -2.33 -0.14 -3.73
CA GLY A 391 -2.60 -0.29 -5.15
C GLY A 391 -2.62 1.00 -5.94
N VAL A 392 -2.14 2.11 -5.40
CA VAL A 392 -2.16 3.39 -6.10
C VAL A 392 -0.77 3.68 -6.65
N THR A 393 -0.70 4.19 -7.87
CA THR A 393 0.57 4.54 -8.44
C THR A 393 0.78 6.05 -8.32
N ARG A 394 2.04 6.46 -8.36
CA ARG A 394 2.37 7.88 -8.32
C ARG A 394 1.71 8.62 -9.47
N GLY A 395 1.73 8.03 -10.67
CA GLY A 395 1.17 8.68 -11.84
C GLY A 395 -0.33 8.87 -11.71
N GLU A 396 -1.00 7.94 -11.03
CA GLU A 396 -2.44 8.11 -10.84
C GLU A 396 -2.71 9.26 -9.88
N ILE A 397 -1.89 9.38 -8.83
CA ILE A 397 -2.04 10.49 -7.91
C ILE A 397 -1.84 11.80 -8.66
N GLU A 398 -0.77 11.87 -9.45
CA GLU A 398 -0.46 13.10 -10.18
C GLU A 398 -1.55 13.44 -11.19
N ALA A 399 -2.12 12.43 -11.85
CA ALA A 399 -3.14 12.69 -12.87
C ALA A 399 -4.40 13.25 -12.24
N ALA A 400 -4.91 12.59 -11.21
CA ALA A 400 -6.12 13.06 -10.53
C ALA A 400 -5.90 14.43 -9.93
N ASP A 401 -4.72 14.64 -9.32
CA ASP A 401 -4.42 15.95 -8.73
C ASP A 401 -4.39 17.04 -9.79
N ALA A 402 -3.90 16.69 -10.98
CA ALA A 402 -3.82 17.67 -12.07
C ALA A 402 -5.21 18.11 -12.50
N ILE A 403 -6.11 17.15 -12.71
CA ILE A 403 -7.50 17.41 -13.10
C ILE A 403 -8.06 18.60 -12.34
N ASP A 404 -7.87 18.64 -11.02
CA ASP A 404 -8.33 19.75 -10.20
C ASP A 404 -7.53 21.02 -10.44
#